data_6R9I
#
_entry.id   6R9I
#
_cell.length_a   91.373
_cell.length_b   117.075
_cell.length_c   255.319
_cell.angle_alpha   90.000
_cell.angle_beta   90.000
_cell.angle_gamma   90.000
#
_symmetry.space_group_name_H-M   'I 2 2 2'
#
_entity_poly.entity_id   1
_entity_poly.type   'polypeptide(L)'
_entity_poly.pdbx_seq_one_letter_code
;MHHHHHHHHLEVLFQGPTSDIQTYTSINKYEVPPAYSRLPLTSGRFGTDNFDFTPFNNTEYSGLDPDVDNHYTNAIIQLY
RFIPEMFNFVVGCLKDENFETTLLTDLGYLFDMMERSHGKICSSSNFQASLKSLTDKRQLENGEPQEHLEEYLESLCIRE
SIEDFNSSESIKRNMPQKFNRFLLSQLIKEEAQTVNHNITLNQCFGLETEIRTECSCDHYDTTVKLLPSLSISGINKTVI
KQLNKKSNGQNILPYIEYAMKNVTQKNSICPTCGKTETITQECTVKNLPSVLSLELSLLDTEFSNIRSSKNWLTSEFYGS
IIKNKAVLRSTASELKGTSHIFKYELNGYVAKITDNNNETRLVTYVKKYNPKENCFKWLMFNDYLVVEITEEEALKMTYP
WKTPEIIIYCDAEELRKPFFSVDTYSINYDILFRDYFANGIRDTARREYKLLTHDEAPKSGTLVAIDAAFVSLQSELCEI
DHQGIRSIIRPKRTALARISIIRGEEGELYGVPFVDDYVVNTNHIEDYLTRYSGILPGDLDPEKSTKRLVRRNVVYRKVW
LLMQLGCVFVGHGLNNDFKHININVPRNQIRDTAIYFLQGKRYLSLRYLAYVLLGMNIQEGNHDSIEDAHTALILYKKYL
HLKEKAIFEKVLNSVYEEGRAHNFKVPETSKG
;
_entity_poly.pdbx_strand_id   A
#
# COMPACT_ATOMS: atom_id res chain seq x y z
N SER A 19 10.80 24.05 15.79
CA SER A 19 10.55 23.12 16.89
C SER A 19 10.90 21.69 16.47
N ASP A 20 10.17 20.73 17.02
CA ASP A 20 10.47 19.32 16.76
C ASP A 20 10.00 18.94 15.36
N ILE A 21 10.07 17.63 15.05
CA ILE A 21 10.03 17.18 13.68
C ILE A 21 8.70 17.46 12.98
N GLN A 22 7.61 17.62 13.71
CA GLN A 22 6.30 17.78 13.08
C GLN A 22 6.01 19.20 12.63
N THR A 23 6.97 20.12 12.73
CA THR A 23 6.78 21.47 12.22
C THR A 23 6.94 21.46 10.71
N TYR A 24 5.99 22.08 10.00
CA TYR A 24 5.95 22.03 8.55
C TYR A 24 6.13 23.40 7.92
N THR A 25 6.78 24.32 8.62
CA THR A 25 7.03 25.65 8.07
C THR A 25 8.20 26.30 8.80
N SER A 26 9.18 26.77 8.04
CA SER A 26 10.29 27.53 8.58
C SER A 26 10.28 28.94 7.99
N ILE A 27 10.88 29.88 8.72
CA ILE A 27 10.76 31.30 8.38
C ILE A 27 11.36 31.59 7.01
N ASN A 28 12.45 30.92 6.67
CA ASN A 28 13.09 31.15 5.40
C ASN A 28 12.44 30.30 4.31
N LYS A 29 12.19 30.92 3.15
CA LYS A 29 11.67 30.16 2.02
C LYS A 29 12.65 29.08 1.57
N TYR A 30 13.91 29.17 2.01
CA TYR A 30 14.97 28.28 1.56
C TYR A 30 15.20 27.09 2.48
N GLU A 31 14.96 27.26 3.79
CA GLU A 31 15.17 26.18 4.74
C GLU A 31 14.01 25.19 4.68
N VAL A 32 14.33 23.92 4.55
CA VAL A 32 13.29 22.89 4.47
C VAL A 32 12.84 22.53 5.88
N PRO A 33 11.54 22.55 6.16
CA PRO A 33 11.07 22.28 7.52
C PRO A 33 11.40 20.85 7.96
N PRO A 34 11.36 20.58 9.26
CA PRO A 34 11.68 19.22 9.73
C PRO A 34 10.71 18.16 9.22
N ALA A 35 9.44 18.52 9.01
CA ALA A 35 8.46 17.54 8.53
C ALA A 35 8.74 17.06 7.12
N TYR A 36 9.65 17.71 6.39
CA TYR A 36 9.99 17.33 5.03
C TYR A 36 11.40 16.76 4.88
N SER A 37 12.17 16.71 5.97
CA SER A 37 13.55 16.28 5.91
C SER A 37 13.66 14.75 5.85
N ARG A 38 14.88 14.25 5.86
CA ARG A 38 15.10 12.81 5.91
C ARG A 38 14.77 12.29 7.30
N LEU A 39 14.02 11.22 7.34
CA LEU A 39 13.62 10.73 8.65
C LEU A 39 14.46 9.52 9.04
N PRO A 40 14.64 9.28 10.34
CA PRO A 40 15.55 8.22 10.78
C PRO A 40 15.08 6.85 10.29
N LEU A 41 16.06 6.00 9.97
CA LEU A 41 15.76 4.64 9.56
C LEU A 41 15.11 3.87 10.71
N THR A 42 14.10 3.07 10.39
CA THR A 42 13.37 2.31 11.39
C THR A 42 13.88 0.89 11.56
N SER A 43 14.41 0.28 10.50
CA SER A 43 15.01 -1.06 10.53
C SER A 43 14.19 -2.07 11.33
N ASN A 50 12.22 -2.39 18.74
CA ASN A 50 10.94 -1.94 18.21
C ASN A 50 10.88 -0.41 18.14
N PHE A 51 10.81 0.11 16.91
CA PHE A 51 10.75 1.55 16.70
C PHE A 51 9.41 2.11 17.16
N ASP A 52 9.46 3.32 17.70
CA ASP A 52 8.28 4.00 18.22
C ASP A 52 7.88 5.12 17.29
N PHE A 53 6.62 5.10 16.85
CA PHE A 53 6.13 6.05 15.86
C PHE A 53 5.20 7.10 16.45
N THR A 54 4.98 7.11 17.78
CA THR A 54 4.01 8.04 18.35
C THR A 54 4.36 9.53 18.20
N PRO A 55 5.62 9.97 18.17
CA PRO A 55 5.86 11.41 17.99
C PRO A 55 5.81 11.88 16.54
N PHE A 56 5.39 11.02 15.61
CA PHE A 56 5.39 11.34 14.19
C PHE A 56 4.01 11.43 13.57
N ASN A 57 2.95 11.04 14.27
CA ASN A 57 1.62 11.03 13.68
C ASN A 57 0.58 11.18 14.80
N ASN A 58 -0.05 12.36 14.88
CA ASN A 58 -1.11 12.61 15.84
C ASN A 58 -2.50 12.29 15.30
N THR A 59 -2.68 12.26 13.99
CA THR A 59 -4.01 12.11 13.41
C THR A 59 -4.36 10.64 13.20
N GLU A 60 -5.62 10.40 12.88
CA GLU A 60 -6.21 9.07 12.78
C GLU A 60 -5.97 8.41 11.43
N TYR A 61 -4.95 8.83 10.68
CA TYR A 61 -4.69 8.30 9.35
C TYR A 61 -3.25 7.82 9.28
N SER A 62 -3.06 6.56 8.90
CA SER A 62 -1.79 5.87 9.04
C SER A 62 -0.70 6.45 8.14
N GLY A 63 0.54 6.16 8.51
CA GLY A 63 1.69 6.33 7.65
C GLY A 63 2.26 4.99 7.24
N LEU A 64 3.32 5.04 6.44
CA LEU A 64 3.87 3.84 5.82
C LEU A 64 5.35 3.66 6.17
N ASP A 65 5.71 2.43 6.50
CA ASP A 65 7.08 2.07 6.79
C ASP A 65 7.99 2.45 5.62
N PRO A 66 9.08 3.18 5.86
CA PRO A 66 9.98 3.55 4.76
C PRO A 66 11.00 2.49 4.38
N ASP A 67 11.00 1.34 5.05
CA ASP A 67 11.88 0.23 4.67
C ASP A 67 11.23 -0.43 3.46
N VAL A 68 11.57 0.08 2.28
CA VAL A 68 10.96 -0.35 1.03
C VAL A 68 12.02 -0.27 -0.08
N ASP A 69 11.91 -1.15 -1.08
CA ASP A 69 12.84 -1.06 -2.20
C ASP A 69 12.48 0.08 -3.14
N ASN A 70 11.24 0.57 -3.13
CA ASN A 70 10.85 1.72 -3.94
C ASN A 70 10.99 2.99 -3.13
N HIS A 71 11.85 3.89 -3.58
CA HIS A 71 11.98 5.20 -2.95
C HIS A 71 10.74 6.08 -3.13
N TYR A 72 9.77 5.65 -3.94
CA TYR A 72 8.73 6.58 -4.38
C TYR A 72 7.30 6.05 -4.34
N THR A 73 7.06 4.75 -4.23
CA THR A 73 5.68 4.26 -4.31
C THR A 73 4.85 4.66 -3.10
N ASN A 74 5.49 4.85 -1.94
CA ASN A 74 4.73 5.16 -0.73
C ASN A 74 3.96 6.46 -0.86
N ALA A 75 4.56 7.47 -1.51
CA ALA A 75 3.86 8.74 -1.70
C ALA A 75 2.65 8.57 -2.61
N ILE A 76 2.71 7.63 -3.55
CA ILE A 76 1.61 7.46 -4.50
C ILE A 76 0.47 6.65 -3.88
N ILE A 77 0.80 5.61 -3.10
CA ILE A 77 -0.22 4.83 -2.42
C ILE A 77 -1.06 5.73 -1.52
N GLN A 78 -0.43 6.68 -0.83
CA GLN A 78 -1.17 7.60 0.02
C GLN A 78 -2.09 8.49 -0.81
N LEU A 79 -1.61 8.98 -1.94
CA LEU A 79 -2.42 9.83 -2.81
C LEU A 79 -3.69 9.12 -3.26
N TYR A 80 -3.63 7.81 -3.44
CA TYR A 80 -4.76 7.05 -3.96
C TYR A 80 -5.73 6.59 -2.88
N ARG A 81 -5.22 6.32 -1.68
CA ARG A 81 -6.09 5.94 -0.57
C ARG A 81 -7.18 6.97 -0.31
N PHE A 82 -6.94 8.23 -0.68
CA PHE A 82 -7.82 9.33 -0.30
C PHE A 82 -8.66 9.87 -1.45
N ILE A 83 -8.74 9.13 -2.57
CA ILE A 83 -9.78 9.35 -3.57
C ILE A 83 -10.95 8.43 -3.23
N PRO A 84 -12.10 8.95 -2.83
CA PRO A 84 -13.20 8.05 -2.44
C PRO A 84 -13.60 7.07 -3.53
N GLU A 85 -13.55 7.47 -4.80
CA GLU A 85 -14.01 6.58 -5.85
C GLU A 85 -13.04 5.43 -6.08
N MET A 86 -11.73 5.69 -6.01
CA MET A 86 -10.80 4.58 -6.19
C MET A 86 -10.65 3.76 -4.92
N PHE A 87 -10.63 4.40 -3.75
CA PHE A 87 -10.54 3.65 -2.50
C PHE A 87 -11.72 2.70 -2.36
N ASN A 88 -12.94 3.21 -2.57
CA ASN A 88 -14.12 2.37 -2.40
C ASN A 88 -14.14 1.20 -3.37
N PHE A 89 -13.54 1.34 -4.56
CA PHE A 89 -13.61 0.26 -5.52
C PHE A 89 -12.63 -0.86 -5.19
N VAL A 90 -11.34 -0.54 -5.09
CA VAL A 90 -10.32 -1.57 -4.86
C VAL A 90 -10.49 -2.22 -3.49
N VAL A 91 -10.87 -1.42 -2.47
CA VAL A 91 -11.32 -2.04 -1.23
C VAL A 91 -12.57 -2.86 -1.46
N GLY A 92 -13.42 -2.41 -2.40
CA GLY A 92 -14.63 -3.15 -2.68
C GLY A 92 -14.38 -4.53 -3.26
N CYS A 93 -13.37 -4.65 -4.12
CA CYS A 93 -13.06 -5.95 -4.72
C CYS A 93 -12.59 -6.99 -3.71
N LEU A 94 -12.45 -6.62 -2.44
CA LEU A 94 -12.09 -7.57 -1.39
C LEU A 94 -13.28 -8.41 -0.93
N LYS A 95 -14.49 -8.13 -1.42
CA LYS A 95 -15.61 -9.04 -1.17
C LYS A 95 -15.31 -10.43 -1.71
N ASP A 96 -15.05 -10.51 -3.01
CA ASP A 96 -14.86 -11.78 -3.70
C ASP A 96 -13.39 -12.15 -3.76
N GLU A 97 -13.14 -13.44 -3.92
CA GLU A 97 -11.78 -13.97 -3.95
C GLU A 97 -11.18 -13.68 -5.32
N ASN A 98 -10.31 -12.68 -5.38
CA ASN A 98 -9.65 -12.25 -6.61
C ASN A 98 -8.16 -12.55 -6.46
N PHE A 99 -7.79 -13.80 -6.73
CA PHE A 99 -6.44 -14.27 -6.50
C PHE A 99 -5.52 -14.02 -7.69
N GLU A 100 -6.04 -14.16 -8.91
CA GLU A 100 -5.21 -13.93 -10.09
C GLU A 100 -4.78 -12.48 -10.21
N THR A 101 -5.55 -11.55 -9.64
CA THR A 101 -5.25 -10.13 -9.75
C THR A 101 -4.50 -9.71 -8.49
N THR A 102 -3.18 -9.91 -8.51
CA THR A 102 -2.36 -9.71 -7.32
C THR A 102 -2.24 -8.23 -6.97
N LEU A 103 -1.85 -7.39 -7.94
CA LEU A 103 -1.61 -5.99 -7.64
C LEU A 103 -2.87 -5.26 -7.19
N LEU A 104 -4.03 -5.67 -7.70
CA LEU A 104 -5.26 -5.00 -7.32
C LEU A 104 -5.74 -5.43 -5.93
N THR A 105 -5.63 -6.72 -5.61
CA THR A 105 -6.09 -7.17 -4.30
C THR A 105 -5.07 -6.89 -3.21
N ASP A 106 -3.78 -6.86 -3.55
CA ASP A 106 -2.78 -6.45 -2.57
C ASP A 106 -2.87 -4.97 -2.27
N LEU A 107 -3.25 -4.16 -3.26
CA LEU A 107 -3.60 -2.77 -2.98
C LEU A 107 -4.85 -2.69 -2.11
N GLY A 108 -5.79 -3.62 -2.31
CA GLY A 108 -6.96 -3.67 -1.45
C GLY A 108 -6.62 -4.10 -0.03
N TYR A 109 -5.80 -5.14 0.10
CA TYR A 109 -5.35 -5.55 1.43
C TYR A 109 -4.58 -4.44 2.13
N LEU A 110 -3.85 -3.63 1.37
CA LEU A 110 -3.14 -2.49 1.96
C LEU A 110 -4.10 -1.37 2.30
N PHE A 111 -5.00 -1.03 1.37
CA PHE A 111 -5.95 0.05 1.61
C PHE A 111 -6.83 -0.26 2.81
N ASP A 112 -7.36 -1.48 2.88
CA ASP A 112 -8.17 -1.86 4.03
C ASP A 112 -7.35 -1.83 5.31
N MET A 113 -6.10 -2.31 5.24
CA MET A 113 -5.22 -2.29 6.41
C MET A 113 -4.97 -0.86 6.89
N MET A 114 -4.71 0.06 5.96
CA MET A 114 -4.48 1.45 6.34
C MET A 114 -5.71 2.07 6.98
N GLU A 115 -6.89 1.73 6.48
CA GLU A 115 -8.11 2.36 7.00
C GLU A 115 -8.41 1.91 8.42
N ARG A 116 -8.28 0.60 8.71
CA ARG A 116 -8.73 0.07 9.99
C ARG A 116 -7.74 0.33 11.11
N SER A 117 -6.45 0.50 10.81
CA SER A 117 -5.47 0.78 11.86
C SER A 117 -5.68 2.18 12.44
N HIS A 118 -6.24 3.09 11.65
CA HIS A 118 -6.67 4.40 12.13
C HIS A 118 -5.51 5.19 12.75
N GLY A 119 -4.32 5.04 12.19
CA GLY A 119 -3.18 5.82 12.63
C GLY A 119 -1.92 5.00 12.84
N LYS A 120 -2.08 3.73 13.21
CA LYS A 120 -0.95 2.86 13.47
C LYS A 120 -0.12 2.67 12.20
N ILE A 121 1.18 2.43 12.39
CA ILE A 121 2.10 2.26 11.27
C ILE A 121 1.62 1.13 10.36
N CYS A 122 1.83 1.30 9.07
CA CYS A 122 1.49 0.31 8.06
C CYS A 122 2.69 0.05 7.17
N SER A 123 2.76 -1.15 6.60
CA SER A 123 3.84 -1.53 5.71
C SER A 123 3.26 -2.02 4.39
N SER A 124 3.82 -1.53 3.28
CA SER A 124 3.44 -1.95 1.95
C SER A 124 4.29 -3.09 1.42
N SER A 125 4.87 -3.91 2.32
CA SER A 125 5.78 -4.96 1.89
C SER A 125 5.09 -5.97 0.98
N ASN A 126 3.84 -6.34 1.30
CA ASN A 126 3.10 -7.29 0.48
C ASN A 126 2.86 -6.72 -0.92
N PHE A 127 2.37 -5.49 -0.99
CA PHE A 127 2.12 -4.84 -2.28
C PHE A 127 3.42 -4.73 -3.08
N GLN A 128 4.49 -4.31 -2.41
CA GLN A 128 5.78 -4.11 -3.05
C GLN A 128 6.36 -5.41 -3.59
N ALA A 129 6.06 -6.54 -2.94
CA ALA A 129 6.46 -7.84 -3.47
C ALA A 129 5.64 -8.22 -4.69
N SER A 130 4.37 -7.81 -4.76
CA SER A 130 3.58 -8.07 -5.95
C SER A 130 4.11 -7.26 -7.12
N LEU A 131 4.52 -6.02 -6.88
CA LEU A 131 5.00 -5.14 -7.95
C LEU A 131 6.31 -5.65 -8.53
N LYS A 132 7.24 -6.07 -7.69
CA LYS A 132 8.49 -6.62 -8.19
C LYS A 132 8.27 -7.94 -8.92
N SER A 133 7.36 -8.78 -8.40
CA SER A 133 7.12 -10.07 -9.04
C SER A 133 6.45 -9.91 -10.40
N LEU A 134 5.52 -8.96 -10.52
CA LEU A 134 4.85 -8.73 -11.80
C LEU A 134 5.77 -8.03 -12.78
N THR A 135 6.62 -7.12 -12.29
CA THR A 135 7.52 -6.39 -13.17
C THR A 135 8.48 -7.33 -13.89
N ASP A 136 8.86 -8.45 -13.26
CA ASP A 136 9.67 -9.46 -13.92
C ASP A 136 8.83 -10.13 -14.99
N LYS A 137 9.06 -9.74 -16.24
CA LYS A 137 8.27 -10.26 -17.36
C LYS A 137 9.05 -10.19 -18.67
N ASN A 142 6.98 -7.32 -30.14
CA ASN A 142 5.57 -7.69 -30.08
C ASN A 142 4.77 -6.67 -29.25
N GLY A 143 5.29 -6.31 -28.08
CA GLY A 143 4.67 -5.33 -27.21
C GLY A 143 5.53 -4.09 -27.09
N GLU A 144 4.93 -2.93 -27.34
CA GLU A 144 5.69 -1.69 -27.37
C GLU A 144 6.05 -1.20 -25.96
N PRO A 145 5.08 -0.96 -25.05
CA PRO A 145 5.49 -0.51 -23.71
C PRO A 145 5.85 -1.66 -22.78
N GLN A 146 6.82 -2.47 -23.20
CA GLN A 146 7.54 -3.34 -22.28
C GLN A 146 8.71 -2.61 -21.64
N GLU A 147 9.16 -1.50 -22.27
CA GLU A 147 10.10 -0.60 -21.62
C GLU A 147 9.51 0.08 -20.40
N HIS A 148 8.18 0.13 -20.30
CA HIS A 148 7.51 0.59 -19.09
C HIS A 148 7.96 -0.22 -17.88
N LEU A 149 7.91 -1.55 -17.99
CA LEU A 149 8.22 -2.42 -16.88
C LEU A 149 9.72 -2.56 -16.63
N GLU A 150 10.54 -2.44 -17.67
CA GLU A 150 11.99 -2.47 -17.47
C GLU A 150 12.45 -1.29 -16.63
N GLU A 151 11.69 -0.19 -16.64
CA GLU A 151 12.07 1.01 -15.91
C GLU A 151 12.08 0.77 -14.41
N TYR A 152 11.24 -0.14 -13.92
CA TYR A 152 11.12 -0.33 -12.48
C TYR A 152 12.02 -1.45 -11.97
N LEU A 153 12.01 -2.63 -12.62
CA LEU A 153 13.01 -3.64 -12.32
C LEU A 153 14.40 -3.02 -12.31
N GLU A 154 14.61 -1.98 -13.12
CA GLU A 154 15.83 -1.19 -13.06
C GLU A 154 15.91 -0.37 -11.77
N SER A 155 14.78 0.15 -11.29
CA SER A 155 14.77 1.13 -10.20
C SER A 155 14.37 0.54 -8.85
N LEU A 156 14.24 -0.79 -8.74
CA LEU A 156 13.91 -1.43 -7.49
C LEU A 156 15.14 -2.02 -6.79
N CYS A 157 16.33 -1.71 -7.28
CA CYS A 157 17.58 -2.17 -6.69
C CYS A 157 18.37 -1.07 -6.00
N ILE A 158 17.89 0.17 -6.06
CA ILE A 158 18.61 1.30 -5.49
C ILE A 158 17.75 2.03 -4.47
N SER A 168 24.51 6.62 -6.84
CA SER A 168 23.19 6.05 -6.59
C SER A 168 22.33 7.02 -5.78
N GLU A 169 21.33 7.61 -6.43
CA GLU A 169 20.47 8.60 -5.82
C GLU A 169 19.18 7.95 -5.32
N SER A 170 18.29 8.78 -4.78
CA SER A 170 17.01 8.30 -4.26
C SER A 170 16.01 8.06 -5.37
N ILE A 171 15.65 9.11 -6.10
CA ILE A 171 14.71 9.00 -7.21
C ILE A 171 15.22 9.85 -8.37
N LYS A 172 15.02 9.36 -9.59
CA LYS A 172 15.47 10.06 -10.78
C LYS A 172 14.33 10.90 -11.36
N ARG A 173 14.58 11.51 -12.51
CA ARG A 173 13.59 12.35 -13.16
C ARG A 173 12.52 11.50 -13.86
N ASN A 174 11.28 11.97 -13.79
CA ASN A 174 10.10 11.40 -14.45
C ASN A 174 9.73 10.01 -13.94
N MET A 175 10.42 9.49 -12.93
CA MET A 175 10.12 8.14 -12.45
C MET A 175 8.84 8.07 -11.62
N PRO A 176 8.54 9.07 -10.76
CA PRO A 176 7.21 9.06 -10.11
C PRO A 176 6.08 9.07 -11.12
N GLN A 177 6.17 9.95 -12.13
CA GLN A 177 5.14 10.03 -13.16
C GLN A 177 5.01 8.72 -13.91
N LYS A 178 6.12 8.04 -14.17
CA LYS A 178 6.06 6.78 -14.89
C LYS A 178 5.34 5.70 -14.09
N PHE A 179 5.54 5.65 -12.78
CA PHE A 179 4.83 4.67 -11.98
C PHE A 179 3.35 5.02 -11.89
N ASN A 180 3.02 6.30 -11.78
CA ASN A 180 1.62 6.72 -11.75
C ASN A 180 0.86 6.16 -12.93
N ARG A 181 1.40 6.33 -14.14
CA ARG A 181 0.75 5.75 -15.33
C ARG A 181 0.79 4.24 -15.29
N PHE A 182 1.92 3.65 -14.89
CA PHE A 182 2.02 2.20 -14.85
C PHE A 182 1.03 1.59 -13.88
N LEU A 183 0.99 2.10 -12.65
CA LEU A 183 0.11 1.53 -11.64
C LEU A 183 -1.35 1.62 -12.07
N LEU A 184 -1.77 2.81 -12.55
CA LEU A 184 -3.12 2.97 -13.05
C LEU A 184 -3.40 2.03 -14.22
N SER A 185 -2.44 1.90 -15.15
CA SER A 185 -2.63 1.01 -16.28
C SER A 185 -2.78 -0.44 -15.83
N GLN A 186 -1.91 -0.88 -14.92
CA GLN A 186 -1.94 -2.28 -14.50
C GLN A 186 -3.19 -2.58 -13.69
N LEU A 187 -3.64 -1.64 -12.86
CA LEU A 187 -4.86 -1.85 -12.12
C LEU A 187 -6.06 -1.99 -13.05
N ILE A 188 -6.15 -1.12 -14.06
CA ILE A 188 -7.24 -1.20 -15.04
C ILE A 188 -7.19 -2.53 -15.78
N LYS A 189 -5.99 -2.99 -16.15
CA LYS A 189 -5.86 -4.28 -16.83
C LYS A 189 -6.32 -5.41 -15.93
N GLU A 190 -5.89 -5.39 -14.66
CA GLU A 190 -6.32 -6.43 -13.73
C GLU A 190 -7.78 -6.23 -13.32
N GLU A 191 -8.27 -4.99 -13.33
CA GLU A 191 -9.67 -4.74 -13.01
C GLU A 191 -10.60 -5.43 -14.00
N ALA A 192 -10.17 -5.61 -15.24
CA ALA A 192 -11.01 -6.29 -16.22
C ALA A 192 -11.20 -7.76 -15.87
N GLN A 193 -10.24 -8.37 -15.18
CA GLN A 193 -10.27 -9.79 -14.88
C GLN A 193 -10.78 -10.09 -13.47
N THR A 194 -11.52 -9.16 -12.87
CA THR A 194 -12.05 -9.39 -11.53
C THR A 194 -13.26 -10.33 -11.59
N VAL A 195 -13.84 -10.59 -10.42
CA VAL A 195 -15.18 -11.16 -10.36
C VAL A 195 -16.18 -10.09 -10.77
N ASN A 196 -17.23 -10.51 -11.49
CA ASN A 196 -18.22 -9.61 -12.10
C ASN A 196 -17.54 -8.39 -12.72
N HIS A 197 -16.77 -8.67 -13.77
CA HIS A 197 -15.80 -7.76 -14.36
C HIS A 197 -16.30 -6.33 -14.42
N ASN A 198 -15.55 -5.42 -13.81
CA ASN A 198 -15.91 -4.02 -13.74
C ASN A 198 -15.06 -3.19 -14.68
N ILE A 199 -15.61 -2.04 -15.06
CA ILE A 199 -14.89 -1.01 -15.79
C ILE A 199 -14.80 0.27 -14.96
N THR A 200 -15.02 0.15 -13.66
CA THR A 200 -15.25 1.31 -12.81
C THR A 200 -14.05 2.26 -12.81
N LEU A 201 -12.83 1.72 -12.76
CA LEU A 201 -11.65 2.58 -12.75
C LEU A 201 -11.50 3.35 -14.05
N ASN A 202 -11.97 2.78 -15.16
CA ASN A 202 -11.89 3.48 -16.44
C ASN A 202 -12.85 4.65 -16.51
N GLN A 203 -14.03 4.53 -15.88
CA GLN A 203 -15.00 5.62 -15.92
C GLN A 203 -14.47 6.87 -15.23
N CYS A 204 -13.67 6.70 -14.17
CA CYS A 204 -13.14 7.84 -13.43
C CYS A 204 -11.87 8.38 -14.08
N PHE A 205 -10.98 7.49 -14.52
CA PHE A 205 -9.68 7.91 -15.01
C PHE A 205 -9.59 8.02 -16.53
N GLY A 206 -10.35 7.19 -17.25
CA GLY A 206 -10.23 7.10 -18.70
C GLY A 206 -10.36 8.41 -19.44
N LEU A 207 -9.34 8.74 -20.22
CA LEU A 207 -9.34 9.92 -21.08
C LEU A 207 -9.33 9.45 -22.54
N GLU A 208 -10.46 9.60 -23.22
CA GLU A 208 -10.55 9.27 -24.64
C GLU A 208 -9.68 10.24 -25.42
N THR A 209 -8.57 9.76 -25.95
CA THR A 209 -7.56 10.61 -26.58
C THR A 209 -7.45 10.27 -28.05
N GLU A 210 -7.77 11.24 -28.92
CA GLU A 210 -7.58 11.09 -30.35
C GLU A 210 -6.19 11.56 -30.74
N ILE A 211 -5.46 10.72 -31.47
CA ILE A 211 -4.16 11.10 -31.99
C ILE A 211 -4.22 11.17 -33.50
N ARG A 212 -4.55 12.35 -34.03
CA ARG A 212 -4.57 12.53 -35.48
C ARG A 212 -3.16 12.83 -35.97
N THR A 213 -2.65 11.96 -36.84
CA THR A 213 -1.30 12.09 -37.38
C THR A 213 -1.42 12.38 -38.87
N GLU A 214 -1.10 13.61 -39.26
CA GLU A 214 -1.23 14.05 -40.64
C GLU A 214 0.05 13.72 -41.40
N CYS A 215 -0.06 12.82 -42.38
CA CYS A 215 1.08 12.47 -43.22
C CYS A 215 1.24 13.46 -44.36
N SER A 216 0.23 13.56 -45.22
CA SER A 216 0.27 14.41 -46.40
C SER A 216 -0.93 15.37 -46.39
N CYS A 217 -1.05 16.16 -47.46
CA CYS A 217 -2.12 17.12 -47.56
C CYS A 217 -3.46 16.41 -47.80
N ASP A 218 -4.50 16.88 -47.11
CA ASP A 218 -5.85 16.35 -47.24
C ASP A 218 -5.93 14.86 -46.89
N HIS A 219 -5.03 14.39 -46.03
CA HIS A 219 -5.00 12.98 -45.65
C HIS A 219 -4.35 12.86 -44.28
N TYR A 220 -5.08 12.29 -43.32
CA TYR A 220 -4.60 12.11 -41.97
C TYR A 220 -5.07 10.76 -41.44
N ASP A 221 -4.34 10.23 -40.46
CA ASP A 221 -4.74 9.01 -39.77
C ASP A 221 -4.73 9.23 -38.28
N THR A 222 -5.71 8.64 -37.58
CA THR A 222 -5.86 8.83 -36.15
C THR A 222 -5.97 7.50 -35.43
N THR A 223 -5.52 7.48 -34.18
CA THR A 223 -5.82 6.41 -33.24
C THR A 223 -6.52 7.00 -32.03
N VAL A 224 -7.32 6.16 -31.36
CA VAL A 224 -8.03 6.55 -30.15
C VAL A 224 -7.78 5.49 -29.08
N LYS A 225 -7.19 5.90 -27.96
CA LYS A 225 -7.00 5.01 -26.84
C LYS A 225 -7.44 5.68 -25.54
N LEU A 226 -7.93 4.87 -24.62
CA LEU A 226 -8.33 5.32 -23.30
C LEU A 226 -7.09 5.39 -22.42
N LEU A 227 -6.70 6.60 -22.01
CA LEU A 227 -5.51 6.79 -21.20
C LEU A 227 -5.89 7.10 -19.76
N PRO A 228 -5.28 6.43 -18.79
CA PRO A 228 -5.69 6.66 -17.39
C PRO A 228 -5.20 7.97 -16.81
N SER A 229 -4.16 8.58 -17.38
CA SER A 229 -3.62 9.81 -16.83
C SER A 229 -3.15 10.71 -17.96
N LEU A 230 -3.14 12.02 -17.69
CA LEU A 230 -2.67 13.03 -18.63
C LEU A 230 -1.23 13.39 -18.30
N SER A 231 -0.38 13.42 -19.33
CA SER A 231 1.05 13.67 -19.16
C SER A 231 1.39 15.04 -19.73
N ILE A 232 1.78 15.97 -18.86
CA ILE A 232 2.26 17.29 -19.27
C ILE A 232 3.77 17.15 -19.42
N SER A 233 4.20 16.73 -20.62
CA SER A 233 5.59 16.35 -20.84
C SER A 233 6.35 17.31 -21.74
N GLY A 234 5.86 17.52 -22.97
CA GLY A 234 6.60 18.33 -23.92
C GLY A 234 5.98 19.68 -24.21
N ILE A 235 6.70 20.76 -23.89
CA ILE A 235 6.18 22.11 -24.04
C ILE A 235 7.22 22.96 -24.76
N ASN A 236 6.77 23.66 -25.80
CA ASN A 236 7.63 24.38 -26.74
C ASN A 236 7.86 25.83 -26.34
N LYS A 237 6.78 26.61 -26.31
CA LYS A 237 6.78 28.00 -25.92
C LYS A 237 5.56 28.22 -25.04
N THR A 238 5.76 28.84 -23.89
CA THR A 238 4.67 29.01 -22.94
C THR A 238 3.98 30.34 -23.19
N VAL A 239 2.96 30.29 -24.06
CA VAL A 239 2.01 31.39 -24.21
C VAL A 239 0.96 31.20 -23.11
N ILE A 240 1.20 30.22 -22.24
CA ILE A 240 0.25 29.82 -21.22
C ILE A 240 0.55 30.53 -19.91
N LYS A 241 1.46 31.51 -19.94
CA LYS A 241 1.83 32.25 -18.74
C LYS A 241 1.52 33.74 -18.82
N GLN A 242 1.04 34.24 -19.95
CA GLN A 242 0.87 35.68 -20.11
C GLN A 242 -0.37 36.19 -19.38
N LEU A 243 -1.56 35.75 -19.81
CA LEU A 243 -2.80 36.23 -19.22
C LEU A 243 -3.85 35.14 -19.02
N ASN A 244 -3.49 33.87 -19.20
CA ASN A 244 -4.48 32.80 -19.16
C ASN A 244 -4.53 32.10 -17.80
N GLY A 249 2.49 35.78 -14.25
CA GLY A 249 2.11 34.45 -14.68
C GLY A 249 0.62 34.17 -14.58
N GLN A 250 0.26 32.90 -14.70
CA GLN A 250 -1.13 32.46 -14.58
C GLN A 250 -1.14 31.02 -14.08
N ASN A 251 -2.34 30.51 -13.81
CA ASN A 251 -2.51 29.30 -13.03
C ASN A 251 -2.24 28.04 -13.86
N ILE A 252 -2.62 26.89 -13.31
CA ILE A 252 -2.31 25.59 -13.92
C ILE A 252 -3.24 25.30 -15.09
N LEU A 253 -4.44 25.86 -15.08
CA LEU A 253 -5.45 25.48 -16.07
C LEU A 253 -4.99 25.63 -17.52
N PRO A 254 -4.22 26.64 -17.91
CA PRO A 254 -3.65 26.61 -19.27
C PRO A 254 -2.83 25.36 -19.56
N TYR A 255 -2.00 24.92 -18.61
CA TYR A 255 -1.19 23.73 -18.83
C TYR A 255 -2.05 22.49 -19.02
N ILE A 256 -3.13 22.38 -18.23
CA ILE A 256 -4.05 21.26 -18.40
C ILE A 256 -4.74 21.35 -19.76
N GLU A 257 -5.11 22.56 -20.17
CA GLU A 257 -5.81 22.72 -21.45
C GLU A 257 -4.93 22.32 -22.63
N TYR A 258 -3.65 22.71 -22.59
CA TYR A 258 -2.75 22.38 -23.70
C TYR A 258 -2.61 20.87 -23.86
N ALA A 259 -2.28 20.17 -22.77
CA ALA A 259 -2.17 18.73 -22.81
C ALA A 259 -3.48 18.05 -23.21
N MET A 260 -4.59 18.79 -23.20
CA MET A 260 -5.88 18.24 -23.59
C MET A 260 -6.19 18.43 -25.07
N LYS A 261 -5.57 19.41 -25.73
CA LYS A 261 -5.62 19.50 -27.19
C LYS A 261 -4.38 20.27 -27.65
N ASN A 262 -3.52 19.61 -28.41
CA ASN A 262 -2.28 20.20 -28.87
C ASN A 262 -1.90 19.62 -30.21
N VAL A 263 -1.23 20.44 -31.02
CA VAL A 263 -0.62 19.98 -32.26
C VAL A 263 0.88 20.22 -32.17
N THR A 264 1.66 19.22 -32.60
CA THR A 264 3.11 19.32 -32.59
C THR A 264 3.66 18.67 -33.85
N GLN A 265 4.78 19.18 -34.34
CA GLN A 265 5.27 18.82 -35.67
C GLN A 265 6.68 18.26 -35.63
N LYS A 266 6.92 17.27 -34.77
CA LYS A 266 8.23 16.62 -34.65
C LYS A 266 8.04 15.12 -34.58
N ASN A 267 8.62 14.41 -35.55
CA ASN A 267 8.62 12.95 -35.58
C ASN A 267 9.63 12.51 -36.65
N SER A 268 9.64 11.22 -36.96
CA SER A 268 10.48 10.66 -38.00
C SER A 268 9.84 9.38 -38.51
N ILE A 269 9.95 9.13 -39.81
CA ILE A 269 9.34 7.97 -40.45
C ILE A 269 10.20 7.56 -41.63
N CYS A 270 9.90 6.39 -42.19
CA CYS A 270 10.61 5.86 -43.35
C CYS A 270 9.75 4.85 -44.09
N THR A 276 12.48 10.28 -42.20
CA THR A 276 12.81 11.66 -42.55
C THR A 276 11.55 12.43 -42.92
N GLU A 277 10.47 12.20 -42.19
CA GLU A 277 9.18 12.79 -42.48
C GLU A 277 8.86 14.01 -41.63
N THR A 278 9.13 13.95 -40.32
CA THR A 278 8.77 15.01 -39.37
C THR A 278 7.26 15.25 -39.40
N ILE A 279 6.54 14.22 -38.93
CA ILE A 279 5.09 14.24 -38.88
C ILE A 279 4.60 15.39 -37.99
N THR A 280 3.39 15.87 -38.28
CA THR A 280 2.65 16.77 -37.41
C THR A 280 1.52 15.98 -36.76
N GLN A 281 1.52 15.92 -35.43
CA GLN A 281 0.58 15.12 -34.67
C GLN A 281 -0.36 16.02 -33.88
N GLU A 282 -1.62 15.59 -33.76
CA GLU A 282 -2.64 16.34 -33.04
C GLU A 282 -3.29 15.41 -32.00
N CYS A 283 -3.06 15.71 -30.73
CA CYS A 283 -3.69 14.99 -29.62
C CYS A 283 -4.86 15.81 -29.10
N THR A 284 -5.94 15.13 -28.74
CA THR A 284 -7.13 15.80 -28.25
C THR A 284 -7.98 14.82 -27.45
N VAL A 285 -8.39 15.24 -26.25
CA VAL A 285 -9.25 14.42 -25.40
C VAL A 285 -10.68 14.93 -25.51
N LYS A 286 -11.63 14.00 -25.70
CA LYS A 286 -13.04 14.31 -25.80
C LYS A 286 -13.79 13.90 -24.54
N ASN A 287 -13.11 13.87 -23.40
CA ASN A 287 -13.69 13.39 -22.17
C ASN A 287 -13.22 14.24 -21.00
N LEU A 288 -14.10 14.40 -20.02
CA LEU A 288 -13.78 15.02 -18.73
C LEU A 288 -14.23 14.04 -17.65
N PRO A 289 -13.36 13.13 -17.23
CA PRO A 289 -13.79 12.05 -16.35
C PRO A 289 -13.78 12.44 -14.88
N SER A 290 -14.31 11.54 -14.06
CA SER A 290 -14.60 11.88 -12.66
C SER A 290 -13.33 12.27 -11.90
N VAL A 291 -12.22 11.60 -12.16
CA VAL A 291 -10.94 11.92 -11.53
C VAL A 291 -9.92 12.18 -12.61
N LEU A 292 -9.03 13.15 -12.36
CA LEU A 292 -8.09 13.63 -13.36
C LEU A 292 -6.67 13.46 -12.82
N SER A 293 -5.95 12.49 -13.37
CA SER A 293 -4.60 12.17 -12.93
C SER A 293 -3.59 12.92 -13.80
N LEU A 294 -2.92 13.90 -13.20
CA LEU A 294 -1.95 14.74 -13.90
C LEU A 294 -0.53 14.30 -13.57
N GLU A 295 0.34 14.36 -14.58
CA GLU A 295 1.76 14.10 -14.42
C GLU A 295 2.52 15.31 -14.95
N LEU A 296 3.34 15.92 -14.10
CA LEU A 296 4.09 17.12 -14.44
C LEU A 296 5.57 16.78 -14.59
N SER A 297 6.12 17.05 -15.77
CA SER A 297 7.56 16.95 -16.01
C SER A 297 7.95 18.08 -16.97
N LEU A 298 8.32 19.22 -16.40
CA LEU A 298 8.77 20.37 -17.17
C LEU A 298 10.27 20.56 -16.96
N LEU A 299 10.81 21.60 -17.58
CA LEU A 299 12.22 21.92 -17.39
C LEU A 299 12.40 22.69 -16.10
N ASP A 300 13.63 22.64 -15.56
CA ASP A 300 13.93 23.37 -14.34
C ASP A 300 13.82 24.87 -14.54
N THR A 301 14.04 25.35 -15.77
CA THR A 301 13.76 26.75 -16.08
C THR A 301 12.27 27.03 -16.06
N GLU A 302 11.47 26.10 -16.56
CA GLU A 302 10.02 26.21 -16.43
C GLU A 302 9.54 25.92 -15.02
N PHE A 303 10.38 25.30 -14.19
CA PHE A 303 10.02 24.95 -12.82
C PHE A 303 10.38 26.05 -11.82
N SER A 304 11.34 26.90 -12.14
CA SER A 304 11.63 28.05 -11.29
C SER A 304 10.81 29.28 -11.67
N ASN A 305 10.36 29.35 -12.92
CA ASN A 305 9.45 30.42 -13.32
C ASN A 305 8.05 30.17 -12.77
N ILE A 306 7.69 28.89 -12.59
CA ILE A 306 6.37 28.55 -12.11
C ILE A 306 6.22 28.85 -10.61
N ARG A 307 7.33 28.89 -9.89
CA ARG A 307 7.31 29.01 -8.43
C ARG A 307 7.04 30.43 -7.95
N SER A 308 6.92 31.42 -8.85
CA SER A 308 6.65 32.79 -8.45
C SER A 308 5.27 33.26 -8.84
N SER A 309 4.63 32.64 -9.83
CA SER A 309 3.25 32.96 -10.15
C SER A 309 2.33 32.40 -9.07
N LYS A 310 2.00 33.23 -8.08
CA LYS A 310 1.26 32.77 -6.91
C LYS A 310 -0.11 32.26 -7.32
N ASN A 311 -0.64 31.33 -6.52
CA ASN A 311 -1.93 30.69 -6.77
C ASN A 311 -1.94 29.94 -8.11
N TRP A 312 -0.78 29.43 -8.53
CA TRP A 312 -0.72 28.70 -9.78
C TRP A 312 -1.53 27.41 -9.71
N LEU A 313 -1.15 26.53 -8.80
CA LEU A 313 -1.90 25.30 -8.58
C LEU A 313 -3.26 25.66 -8.01
N THR A 314 -4.31 25.42 -8.79
CA THR A 314 -5.64 25.95 -8.50
C THR A 314 -6.41 25.03 -7.56
N SER A 315 -7.15 25.63 -6.63
CA SER A 315 -7.93 24.85 -5.66
C SER A 315 -9.07 24.11 -6.34
N GLU A 316 -9.98 24.85 -6.97
CA GLU A 316 -11.11 24.26 -7.68
C GLU A 316 -11.32 24.99 -8.99
N PHE A 317 -11.93 24.29 -9.95
CA PHE A 317 -12.27 24.87 -11.24
C PHE A 317 -13.41 24.05 -11.85
N TYR A 318 -14.21 24.72 -12.67
CA TYR A 318 -15.23 24.10 -13.50
C TYR A 318 -14.74 23.98 -14.93
N GLY A 319 -15.40 23.12 -15.69
CA GLY A 319 -15.01 22.94 -17.08
C GLY A 319 -15.98 22.08 -17.86
N SER A 320 -15.98 22.26 -19.18
CA SER A 320 -16.80 21.46 -20.08
C SER A 320 -16.13 21.47 -21.44
N ILE A 321 -16.77 20.83 -22.41
CA ILE A 321 -16.25 20.75 -23.78
C ILE A 321 -17.24 21.47 -24.68
N ILE A 322 -16.82 22.59 -25.26
CA ILE A 322 -17.64 23.38 -26.18
C ILE A 322 -17.13 23.26 -27.61
N LYS A 323 -15.89 23.69 -27.85
CA LYS A 323 -15.17 23.32 -29.06
C LYS A 323 -14.86 21.83 -29.02
N ASN A 324 -14.18 21.32 -30.04
CA ASN A 324 -13.64 19.97 -29.83
C ASN A 324 -12.49 19.96 -28.84
N LYS A 325 -12.13 21.10 -28.28
CA LYS A 325 -11.16 21.24 -27.21
C LYS A 325 -11.86 21.40 -25.87
N ALA A 326 -11.15 21.06 -24.80
CA ALA A 326 -11.66 21.25 -23.45
C ALA A 326 -11.30 22.65 -22.96
N VAL A 327 -12.28 23.35 -22.42
CA VAL A 327 -12.09 24.69 -21.89
C VAL A 327 -12.46 24.67 -20.41
N LEU A 328 -11.53 25.07 -19.56
CA LEU A 328 -11.72 25.07 -18.11
C LEU A 328 -11.38 26.46 -17.57
N ARG A 329 -12.30 27.04 -16.81
CA ARG A 329 -12.11 28.34 -16.19
C ARG A 329 -12.29 28.21 -14.68
N SER A 330 -12.04 29.32 -13.97
CA SER A 330 -12.12 29.30 -12.51
C SER A 330 -13.55 29.41 -12.03
N THR A 331 -14.26 30.46 -12.44
CA THR A 331 -15.67 30.62 -12.09
C THR A 331 -16.56 30.00 -13.16
N ALA A 332 -17.76 29.60 -12.75
CA ALA A 332 -18.69 28.94 -13.66
C ALA A 332 -19.33 29.90 -14.65
N SER A 333 -19.36 31.20 -14.34
CA SER A 333 -19.91 32.18 -15.26
C SER A 333 -18.93 32.58 -16.35
N GLU A 334 -17.66 32.15 -16.26
CA GLU A 334 -16.70 32.30 -17.36
C GLU A 334 -16.95 31.31 -18.48
N LEU A 335 -18.04 30.57 -18.39
CA LEU A 335 -18.45 29.62 -19.42
C LEU A 335 -19.51 30.24 -20.32
N LYS A 336 -19.60 29.71 -21.53
CA LYS A 336 -20.68 30.06 -22.44
C LYS A 336 -21.85 29.10 -22.34
N GLY A 337 -21.91 28.29 -21.28
CA GLY A 337 -22.89 27.24 -21.16
C GLY A 337 -22.50 26.05 -22.01
N THR A 338 -23.21 25.87 -23.13
CA THR A 338 -22.84 25.01 -24.24
C THR A 338 -22.90 23.51 -23.95
N SER A 339 -23.07 23.13 -22.69
CA SER A 339 -22.78 21.74 -22.34
C SER A 339 -23.12 21.47 -20.89
N HIS A 340 -23.00 20.20 -20.51
CA HIS A 340 -22.99 19.82 -19.11
C HIS A 340 -21.73 20.34 -18.45
N ILE A 341 -21.88 21.01 -17.30
CA ILE A 341 -20.78 21.67 -16.62
C ILE A 341 -20.23 20.72 -15.56
N PHE A 342 -18.91 20.55 -15.54
CA PHE A 342 -18.24 19.70 -14.56
C PHE A 342 -17.39 20.57 -13.63
N LYS A 343 -17.55 20.36 -12.33
CA LYS A 343 -16.75 21.05 -11.32
C LYS A 343 -15.70 20.10 -10.77
N TYR A 344 -14.45 20.57 -10.69
CA TYR A 344 -13.34 19.77 -10.18
C TYR A 344 -12.72 20.48 -8.99
N GLU A 345 -12.58 19.76 -7.89
CA GLU A 345 -11.78 20.19 -6.74
C GLU A 345 -10.52 19.36 -6.66
N LEU A 346 -9.48 19.94 -6.06
CA LEU A 346 -8.22 19.22 -5.88
C LEU A 346 -8.39 18.15 -4.80
N ASN A 347 -8.00 16.92 -5.13
CA ASN A 347 -8.03 15.84 -4.15
C ASN A 347 -6.71 15.75 -3.39
N GLY A 348 -5.60 15.73 -4.11
CA GLY A 348 -4.28 15.73 -3.51
C GLY A 348 -3.23 15.76 -4.59
N TYR A 349 -1.98 15.86 -4.16
CA TYR A 349 -0.88 15.83 -5.12
C TYR A 349 0.39 15.35 -4.42
N VAL A 350 1.33 14.89 -5.24
CA VAL A 350 2.61 14.34 -4.78
C VAL A 350 3.70 15.31 -5.19
N ALA A 351 4.39 15.87 -4.20
CA ALA A 351 5.48 16.82 -4.44
C ALA A 351 6.83 16.13 -4.22
N LYS A 352 7.85 16.66 -4.88
CA LYS A 352 9.21 16.19 -4.70
C LYS A 352 9.98 17.20 -3.85
N ILE A 353 10.61 16.72 -2.79
CA ILE A 353 11.40 17.55 -1.88
C ILE A 353 12.88 17.35 -2.22
N THR A 354 13.58 18.45 -2.48
CA THR A 354 15.03 18.43 -2.65
C THR A 354 15.66 19.08 -1.42
N ASP A 355 16.58 18.36 -0.79
CA ASP A 355 17.04 18.69 0.55
C ASP A 355 17.99 19.89 0.57
N ASN A 356 18.25 20.38 1.77
CA ASN A 356 19.39 21.28 1.98
C ASN A 356 20.69 20.51 1.86
N ASN A 357 20.68 19.21 2.15
CA ASN A 357 21.80 18.32 1.90
C ASN A 357 21.74 17.68 0.52
N ASN A 358 20.87 18.19 -0.36
CA ASN A 358 20.76 17.74 -1.75
C ASN A 358 20.35 16.28 -1.87
N GLU A 359 19.50 15.81 -0.94
CA GLU A 359 18.81 14.54 -1.08
C GLU A 359 17.38 14.80 -1.51
N THR A 360 16.72 13.76 -2.02
CA THR A 360 15.37 13.90 -2.57
C THR A 360 14.45 12.85 -1.98
N ARG A 361 13.19 13.25 -1.79
CA ARG A 361 12.14 12.33 -1.37
C ARG A 361 10.79 12.87 -1.87
N LEU A 362 9.78 12.01 -1.79
CA LEU A 362 8.43 12.35 -2.20
C LEU A 362 7.52 12.49 -0.98
N VAL A 363 6.64 13.49 -1.00
CA VAL A 363 5.63 13.66 0.01
C VAL A 363 4.27 13.81 -0.66
N THR A 364 3.21 13.62 0.12
CA THR A 364 1.85 13.59 -0.39
C THR A 364 0.98 14.57 0.38
N TYR A 365 0.34 15.47 -0.35
CA TYR A 365 -0.70 16.33 0.20
C TYR A 365 -2.06 15.74 -0.15
N VAL A 366 -3.01 15.85 0.77
CA VAL A 366 -4.28 15.14 0.65
C VAL A 366 -5.40 16.00 1.22
N LYS A 367 -6.53 16.03 0.52
CA LYS A 367 -7.76 16.65 1.01
C LYS A 367 -8.75 15.57 1.38
N LYS A 368 -9.13 15.53 2.65
CA LYS A 368 -10.18 14.61 3.10
C LYS A 368 -11.38 15.42 3.58
N TYR A 369 -12.57 14.96 3.22
CA TYR A 369 -13.81 15.62 3.55
C TYR A 369 -14.46 14.91 4.72
N ASN A 370 -14.63 15.62 5.82
CA ASN A 370 -15.42 15.09 6.92
C ASN A 370 -16.87 15.51 6.72
N PRO A 371 -17.84 14.59 6.82
CA PRO A 371 -19.24 14.97 6.53
C PRO A 371 -19.97 15.62 7.68
N LYS A 372 -19.52 15.43 8.93
CA LYS A 372 -20.18 16.09 10.06
C LYS A 372 -20.17 17.60 9.92
N GLU A 373 -19.11 18.15 9.35
CA GLU A 373 -18.95 19.58 9.13
C GLU A 373 -18.60 19.78 7.66
N ASN A 374 -19.10 20.84 7.05
CA ASN A 374 -18.74 21.12 5.66
C ASN A 374 -17.30 21.64 5.66
N CYS A 375 -16.37 20.70 5.83
CA CYS A 375 -14.98 21.04 6.11
C CYS A 375 -14.05 20.20 5.25
N PHE A 376 -12.81 20.66 5.16
CA PHE A 376 -11.73 19.95 4.48
C PHE A 376 -10.54 19.88 5.40
N LYS A 377 -10.08 18.66 5.69
CA LYS A 377 -8.88 18.44 6.49
C LYS A 377 -7.72 18.20 5.53
N TRP A 378 -6.79 19.14 5.48
CA TRP A 378 -5.61 19.03 4.65
C TRP A 378 -4.55 18.23 5.39
N LEU A 379 -4.07 17.16 4.77
CA LEU A 379 -3.10 16.26 5.38
C LEU A 379 -1.83 16.22 4.53
N MET A 380 -0.68 16.24 5.20
CA MET A 380 0.61 16.05 4.56
C MET A 380 1.21 14.74 5.02
N PHE A 381 1.85 14.03 4.09
CA PHE A 381 2.36 12.69 4.35
C PHE A 381 3.84 12.62 3.98
N ASN A 382 4.68 12.50 4.99
CA ASN A 382 6.05 12.03 4.86
C ASN A 382 6.10 10.64 5.47
N ASP A 383 7.04 9.80 5.01
CA ASP A 383 6.87 8.35 5.01
C ASP A 383 6.07 7.81 6.19
N TYR A 384 6.49 8.12 7.42
CA TYR A 384 5.67 7.86 8.59
C TYR A 384 5.33 9.14 9.35
N LEU A 385 5.63 10.30 8.76
CA LEU A 385 5.32 11.61 9.33
C LEU A 385 3.99 12.08 8.75
N VAL A 386 2.97 12.20 9.60
CA VAL A 386 1.65 12.64 9.17
C VAL A 386 1.23 13.81 10.03
N VAL A 387 1.02 14.98 9.41
CA VAL A 387 0.64 16.19 10.12
C VAL A 387 -0.52 16.85 9.38
N GLU A 388 -1.45 17.41 10.15
CA GLU A 388 -2.61 18.10 9.59
C GLU A 388 -2.24 19.57 9.37
N ILE A 389 -2.21 20.00 8.11
CA ILE A 389 -1.85 21.36 7.75
C ILE A 389 -3.09 22.08 7.22
N THR A 390 -2.96 23.37 6.95
CA THR A 390 -4.06 24.16 6.40
C THR A 390 -3.84 24.41 4.92
N GLU A 391 -4.87 24.97 4.28
CA GLU A 391 -4.88 25.04 2.82
C GLU A 391 -3.81 25.97 2.27
N GLU A 392 -3.56 27.10 2.94
CA GLU A 392 -2.61 28.07 2.41
C GLU A 392 -1.20 27.49 2.31
N GLU A 393 -0.84 26.59 3.22
CA GLU A 393 0.47 25.95 3.14
C GLU A 393 0.46 24.77 2.18
N ALA A 394 -0.67 24.07 2.08
CA ALA A 394 -0.73 22.90 1.20
C ALA A 394 -0.64 23.30 -0.27
N LEU A 395 -1.23 24.43 -0.65
CA LEU A 395 -1.23 24.88 -2.03
C LEU A 395 0.00 25.70 -2.40
N LYS A 396 0.73 26.22 -1.42
CA LYS A 396 1.85 27.11 -1.70
C LYS A 396 2.97 26.37 -2.41
N MET A 397 3.61 27.05 -3.37
CA MET A 397 4.80 26.53 -4.02
C MET A 397 5.88 27.61 -4.18
N THR A 398 5.87 28.61 -3.30
CA THR A 398 6.92 29.62 -3.28
C THR A 398 8.29 29.04 -2.95
N TYR A 399 8.33 27.82 -2.42
CA TYR A 399 9.58 27.25 -1.91
C TYR A 399 10.38 26.62 -3.05
N PRO A 400 11.68 26.93 -3.15
CA PRO A 400 12.49 26.32 -4.22
C PRO A 400 12.75 24.83 -4.04
N TRP A 401 12.60 24.30 -2.83
CA TRP A 401 12.84 22.89 -2.56
C TRP A 401 11.61 22.03 -2.82
N LYS A 402 10.61 22.56 -3.52
CA LYS A 402 9.34 21.89 -3.72
C LYS A 402 9.01 21.84 -5.21
N THR A 403 8.64 20.66 -5.69
CA THR A 403 8.29 20.49 -7.09
C THR A 403 7.07 19.56 -7.22
N PRO A 404 5.97 20.02 -7.80
CA PRO A 404 4.83 19.12 -8.01
C PRO A 404 5.12 18.14 -9.14
N GLU A 405 4.77 16.87 -8.91
CA GLU A 405 5.11 15.82 -9.86
C GLU A 405 3.89 15.02 -10.28
N ILE A 406 2.93 14.85 -9.38
CA ILE A 406 1.68 14.15 -9.69
C ILE A 406 0.55 14.91 -9.00
N ILE A 407 -0.34 15.50 -9.79
CA ILE A 407 -1.52 16.18 -9.25
C ILE A 407 -2.75 15.38 -9.62
N ILE A 408 -3.74 15.41 -8.72
CA ILE A 408 -5.00 14.70 -8.90
C ILE A 408 -6.14 15.69 -8.71
N TYR A 409 -7.12 15.66 -9.61
CA TYR A 409 -8.33 16.45 -9.49
C TYR A 409 -9.53 15.53 -9.51
N CYS A 410 -10.44 15.74 -8.57
CA CYS A 410 -11.64 14.92 -8.43
C CYS A 410 -12.87 15.77 -8.70
N ASP A 411 -13.96 15.09 -9.06
CA ASP A 411 -15.25 15.76 -9.20
C ASP A 411 -15.73 16.21 -7.84
N ALA A 412 -16.19 17.47 -7.76
CA ALA A 412 -16.54 18.04 -6.47
C ALA A 412 -17.63 17.23 -5.77
N GLU A 413 -18.65 16.82 -6.52
CA GLU A 413 -19.72 16.01 -5.91
C GLU A 413 -19.20 14.65 -5.46
N GLU A 414 -18.13 14.16 -6.08
CA GLU A 414 -17.63 12.82 -5.77
C GLU A 414 -16.61 12.79 -4.65
N LEU A 415 -15.97 13.92 -4.33
CA LEU A 415 -15.05 13.94 -3.21
C LEU A 415 -15.78 13.80 -1.88
N ARG A 416 -16.97 14.40 -1.78
CA ARG A 416 -17.75 14.32 -0.55
C ARG A 416 -18.45 12.98 -0.39
N LYS A 417 -18.28 12.06 -1.33
CA LYS A 417 -18.74 10.70 -1.13
C LYS A 417 -17.94 10.07 0.01
N PRO A 418 -18.61 9.42 0.97
CA PRO A 418 -17.86 8.85 2.11
C PRO A 418 -17.03 7.66 1.69
N PHE A 419 -15.93 7.46 2.41
CA PHE A 419 -15.11 6.27 2.23
C PHE A 419 -15.79 5.08 2.89
N PHE A 420 -15.95 4.00 2.14
CA PHE A 420 -16.63 2.81 2.61
C PHE A 420 -15.62 1.70 2.86
N SER A 421 -15.56 1.20 4.09
CA SER A 421 -14.79 0.01 4.39
C SER A 421 -15.34 -1.18 3.60
N VAL A 422 -14.55 -2.25 3.53
CA VAL A 422 -15.03 -3.44 2.85
C VAL A 422 -16.08 -4.16 3.70
N ASP A 423 -16.13 -3.87 5.00
CA ASP A 423 -17.09 -4.54 5.88
C ASP A 423 -18.51 -4.06 5.67
N THR A 424 -18.74 -2.95 4.97
CA THR A 424 -20.10 -2.55 4.63
C THR A 424 -20.76 -3.54 3.67
N TYR A 425 -19.98 -4.43 3.06
CA TYR A 425 -20.49 -5.43 2.14
C TYR A 425 -20.59 -6.78 2.84
N SER A 426 -21.00 -7.79 2.09
CA SER A 426 -21.04 -9.17 2.56
C SER A 426 -19.89 -9.91 1.89
N ILE A 427 -18.89 -10.28 2.68
CA ILE A 427 -17.63 -10.80 2.17
C ILE A 427 -17.77 -12.31 1.95
N ASN A 428 -17.14 -12.81 0.89
CA ASN A 428 -17.15 -14.24 0.58
C ASN A 428 -16.10 -14.95 1.45
N TYR A 429 -16.56 -15.80 2.36
CA TYR A 429 -15.69 -16.48 3.31
C TYR A 429 -15.42 -17.93 2.94
N ASP A 430 -15.78 -18.36 1.73
CA ASP A 430 -15.66 -19.76 1.34
C ASP A 430 -14.26 -20.33 1.56
N ILE A 431 -13.24 -19.48 1.45
CA ILE A 431 -11.86 -19.95 1.42
C ILE A 431 -11.42 -20.56 2.75
N LEU A 432 -12.11 -20.26 3.84
CA LEU A 432 -11.77 -20.89 5.11
C LEU A 432 -12.26 -22.32 5.21
N PHE A 433 -13.21 -22.73 4.36
CA PHE A 433 -13.77 -24.08 4.38
C PHE A 433 -13.31 -24.93 3.19
N ARG A 434 -13.00 -24.32 2.07
CA ARG A 434 -12.61 -25.04 0.86
C ARG A 434 -11.12 -25.38 0.90
N ASP A 435 -10.76 -26.43 0.16
CA ASP A 435 -9.36 -26.80 -0.07
C ASP A 435 -8.93 -26.26 -1.42
N TYR A 436 -7.89 -25.43 -1.43
CA TYR A 436 -7.39 -24.77 -2.64
C TYR A 436 -5.87 -24.81 -2.60
N PHE A 437 -5.27 -25.75 -3.34
CA PHE A 437 -3.83 -25.90 -3.41
C PHE A 437 -3.37 -25.83 -4.86
N ALA A 438 -2.09 -25.51 -5.04
CA ALA A 438 -1.50 -25.34 -6.36
C ALA A 438 -0.34 -26.31 -6.58
N ASN A 439 -0.51 -27.55 -6.14
CA ASN A 439 0.51 -28.58 -6.31
C ASN A 439 -0.18 -29.94 -6.34
N GLY A 440 0.62 -31.00 -6.36
CA GLY A 440 0.09 -32.35 -6.37
C GLY A 440 -0.11 -32.93 -4.98
N GLU A 448 -3.57 -34.74 8.61
CA GLU A 448 -2.81 -33.96 9.59
C GLU A 448 -3.62 -32.77 10.07
N TYR A 449 -4.76 -32.51 9.43
CA TYR A 449 -5.61 -31.38 9.75
C TYR A 449 -6.96 -31.57 9.06
N LYS A 450 -8.02 -31.07 9.70
CA LYS A 450 -9.37 -31.17 9.18
C LYS A 450 -9.90 -29.78 8.86
N LEU A 451 -10.48 -29.63 7.68
CA LEU A 451 -11.10 -28.38 7.28
C LEU A 451 -12.45 -28.21 8.01
N LEU A 452 -12.98 -26.99 7.97
CA LEU A 452 -14.09 -26.62 8.84
C LEU A 452 -15.44 -26.85 8.17
N THR A 453 -16.47 -26.85 9.01
CA THR A 453 -17.85 -27.07 8.63
C THR A 453 -18.57 -25.75 8.43
N HIS A 454 -19.87 -25.83 8.14
CA HIS A 454 -20.71 -24.64 8.22
C HIS A 454 -21.10 -24.35 9.66
N ASP A 455 -21.16 -25.37 10.51
CA ASP A 455 -21.38 -25.19 11.94
C ASP A 455 -20.14 -24.67 12.67
N GLU A 456 -18.99 -24.68 12.01
CA GLU A 456 -17.75 -24.15 12.57
C GLU A 456 -17.47 -22.72 12.12
N ALA A 457 -18.48 -22.02 11.62
CA ALA A 457 -18.33 -20.66 11.10
C ALA A 457 -17.83 -19.73 12.20
N PRO A 458 -16.61 -19.19 12.08
CA PRO A 458 -16.08 -18.32 13.13
C PRO A 458 -16.88 -17.03 13.26
N LYS A 459 -16.98 -16.55 14.49
CA LYS A 459 -17.68 -15.31 14.81
C LYS A 459 -16.73 -14.34 15.49
N SER A 460 -17.28 -13.24 15.98
CA SER A 460 -16.48 -12.21 16.66
C SER A 460 -16.09 -12.71 18.04
N GLY A 461 -14.85 -13.17 18.16
CA GLY A 461 -14.33 -13.71 19.42
C GLY A 461 -13.94 -15.17 19.37
N THR A 462 -13.94 -15.81 18.20
CA THR A 462 -13.62 -17.23 18.11
C THR A 462 -12.14 -17.44 18.38
N LEU A 463 -11.82 -18.45 19.18
CA LEU A 463 -10.44 -18.71 19.57
C LEU A 463 -9.75 -19.56 18.49
N VAL A 464 -8.62 -19.07 17.99
CA VAL A 464 -7.78 -19.81 17.05
C VAL A 464 -6.32 -19.60 17.42
N ALA A 465 -5.50 -20.62 17.20
CA ALA A 465 -4.07 -20.57 17.46
C ALA A 465 -3.32 -20.51 16.14
N ILE A 466 -2.32 -19.62 16.08
CA ILE A 466 -1.60 -19.35 14.84
C ILE A 466 -0.10 -19.38 15.11
N ASP A 467 0.65 -19.93 14.17
CA ASP A 467 2.11 -19.83 14.16
C ASP A 467 2.58 -19.81 12.72
N ALA A 468 3.66 -19.08 12.48
CA ALA A 468 4.17 -18.84 11.13
C ALA A 468 5.67 -19.07 11.08
N ALA A 469 6.12 -19.68 9.98
CA ALA A 469 7.54 -19.92 9.74
C ALA A 469 7.97 -19.15 8.50
N PHE A 470 9.24 -18.73 8.49
CA PHE A 470 9.73 -17.81 7.47
C PHE A 470 11.11 -18.22 7.00
N VAL A 471 11.49 -17.72 5.82
CA VAL A 471 12.82 -17.88 5.26
C VAL A 471 13.36 -16.50 4.90
N SER A 472 14.67 -16.41 4.75
CA SER A 472 15.35 -15.15 4.48
C SER A 472 15.73 -15.08 3.01
N LEU A 473 15.26 -14.04 2.32
CA LEU A 473 15.63 -13.81 0.93
C LEU A 473 16.94 -13.05 0.83
N GLN A 474 17.00 -11.86 1.41
CA GLN A 474 18.17 -11.02 1.38
C GLN A 474 18.48 -10.52 2.79
N SER A 475 19.75 -10.51 3.14
CA SER A 475 20.21 -10.05 4.45
C SER A 475 20.38 -8.53 4.44
N GLU A 476 21.08 -8.00 5.45
CA GLU A 476 21.03 -6.58 5.78
C GLU A 476 21.34 -5.69 4.58
N LEU A 477 22.56 -5.79 4.05
CA LEU A 477 23.00 -4.97 2.91
C LEU A 477 22.89 -3.48 3.23
N CYS A 478 23.69 -3.05 4.21
CA CYS A 478 23.71 -1.66 4.67
C CYS A 478 24.97 -0.96 4.19
N GLU A 479 24.91 0.37 4.18
CA GLU A 479 26.04 1.18 3.73
C GLU A 479 26.96 1.54 4.90
N ILE A 489 21.77 1.84 3.13
CA ILE A 489 20.58 1.03 2.99
C ILE A 489 20.27 0.31 4.30
N ARG A 490 19.26 -0.56 4.29
CA ARG A 490 18.76 -1.20 5.50
C ARG A 490 18.39 -2.65 5.18
N PRO A 491 18.27 -3.49 6.20
CA PRO A 491 17.81 -4.88 5.96
C PRO A 491 16.38 -4.89 5.45
N LYS A 492 16.15 -5.63 4.37
CA LYS A 492 14.91 -5.51 3.61
C LYS A 492 14.07 -6.77 3.58
N ARG A 493 14.63 -7.91 3.19
CA ARG A 493 13.84 -9.04 2.69
C ARG A 493 13.78 -10.18 3.69
N THR A 494 12.57 -10.70 3.91
CA THR A 494 12.34 -12.00 4.53
C THR A 494 10.91 -12.42 4.22
N ALA A 495 10.74 -13.59 3.61
CA ALA A 495 9.46 -14.00 3.06
C ALA A 495 8.78 -15.04 3.95
N LEU A 496 7.46 -15.10 3.84
CA LEU A 496 6.66 -16.05 4.62
C LEU A 496 6.69 -17.42 3.96
N ALA A 497 6.88 -18.46 4.77
CA ALA A 497 7.02 -19.82 4.29
C ALA A 497 5.82 -20.71 4.61
N ARG A 498 5.42 -20.77 5.88
CA ARG A 498 4.35 -21.67 6.29
C ARG A 498 3.64 -21.09 7.50
N ILE A 499 2.31 -21.25 7.53
CA ILE A 499 1.52 -20.90 8.70
C ILE A 499 0.55 -22.05 9.00
N SER A 500 0.14 -22.13 10.26
CA SER A 500 -0.83 -23.11 10.71
C SER A 500 -1.81 -22.44 11.65
N ILE A 501 -3.10 -22.72 11.48
CA ILE A 501 -4.10 -22.31 12.45
C ILE A 501 -4.60 -23.53 13.18
N ILE A 502 -5.11 -23.31 14.38
CA ILE A 502 -5.57 -24.37 15.27
C ILE A 502 -6.97 -23.99 15.76
N ARG A 503 -7.86 -24.96 15.81
CA ARG A 503 -9.15 -24.75 16.46
C ARG A 503 -8.92 -24.49 17.94
N GLY A 504 -9.16 -23.26 18.39
CA GLY A 504 -8.88 -22.90 19.75
C GLY A 504 -10.10 -22.88 20.65
N GLU A 505 -11.29 -23.02 20.06
CA GLU A 505 -12.52 -23.02 20.84
C GLU A 505 -12.73 -24.37 21.51
N GLU A 506 -13.14 -24.34 22.77
CA GLU A 506 -13.35 -25.57 23.52
C GLU A 506 -14.52 -26.36 22.92
N GLY A 507 -14.27 -27.62 22.63
CA GLY A 507 -15.31 -28.47 22.07
C GLY A 507 -14.73 -29.81 21.65
N GLU A 508 -15.51 -30.53 20.86
CA GLU A 508 -15.05 -31.82 20.34
C GLU A 508 -13.83 -31.65 19.46
N LEU A 509 -13.83 -30.62 18.60
CA LEU A 509 -12.69 -30.31 17.76
C LEU A 509 -11.96 -29.12 18.37
N TYR A 510 -11.13 -29.40 19.36
CA TYR A 510 -10.32 -28.40 20.06
C TYR A 510 -8.86 -28.79 19.95
N GLY A 511 -8.00 -27.81 19.68
CA GLY A 511 -6.59 -28.06 19.47
C GLY A 511 -6.25 -28.70 18.15
N VAL A 512 -7.24 -29.13 17.37
CA VAL A 512 -6.98 -29.74 16.07
C VAL A 512 -6.81 -28.62 15.03
N PRO A 513 -5.77 -28.67 14.20
CA PRO A 513 -5.55 -27.62 13.21
C PRO A 513 -6.61 -27.64 12.12
N PHE A 514 -6.66 -26.56 11.34
CA PHE A 514 -7.47 -26.58 10.13
C PHE A 514 -6.82 -25.93 8.91
N VAL A 515 -5.64 -25.32 9.03
CA VAL A 515 -4.83 -24.99 7.86
C VAL A 515 -3.39 -25.36 8.14
N ASP A 516 -2.72 -25.88 7.13
CA ASP A 516 -1.27 -26.13 7.15
C ASP A 516 -0.79 -25.83 5.73
N ASP A 517 -0.41 -24.58 5.50
CA ASP A 517 -0.17 -24.06 4.15
C ASP A 517 1.28 -23.60 4.05
N TYR A 518 2.07 -24.31 3.25
CA TYR A 518 3.37 -23.80 2.84
C TYR A 518 3.18 -22.87 1.65
N VAL A 519 3.73 -21.67 1.74
CA VAL A 519 3.52 -20.64 0.73
C VAL A 519 4.62 -20.74 -0.33
N VAL A 520 4.23 -20.82 -1.60
CA VAL A 520 5.21 -20.90 -2.67
C VAL A 520 5.98 -19.60 -2.76
N ASN A 521 7.24 -19.69 -3.20
CA ASN A 521 8.05 -18.49 -3.41
C ASN A 521 9.16 -18.85 -4.38
N THR A 522 9.24 -18.10 -5.49
CA THR A 522 10.17 -18.41 -6.57
C THR A 522 11.48 -17.65 -6.45
N ASN A 523 11.50 -16.52 -5.75
CA ASN A 523 12.72 -15.74 -5.59
C ASN A 523 13.74 -16.54 -4.79
N HIS A 524 15.01 -16.37 -5.13
CA HIS A 524 16.08 -17.13 -4.49
C HIS A 524 16.20 -16.69 -3.03
N ILE A 525 16.06 -17.65 -2.11
CA ILE A 525 16.16 -17.37 -0.68
C ILE A 525 17.58 -17.64 -0.23
N GLU A 526 18.06 -16.81 0.71
CA GLU A 526 19.45 -16.93 1.15
C GLU A 526 19.65 -18.07 2.14
N ASP A 527 18.67 -18.31 3.00
CA ASP A 527 18.75 -19.41 3.97
C ASP A 527 17.35 -19.78 4.41
N TYR A 528 17.13 -21.08 4.58
CA TYR A 528 15.82 -21.61 4.96
C TYR A 528 15.51 -21.43 6.45
N LEU A 529 16.52 -21.20 7.29
CA LEU A 529 16.35 -21.00 8.73
C LEU A 529 15.68 -22.20 9.39
N THR A 530 15.96 -23.40 8.88
CA THR A 530 15.18 -24.58 9.27
C THR A 530 15.44 -25.02 10.71
N ARG A 531 16.61 -24.69 11.25
CA ARG A 531 16.82 -24.90 12.68
C ARG A 531 15.84 -24.09 13.51
N TYR A 532 15.26 -23.03 12.91
CA TYR A 532 14.25 -22.21 13.55
C TYR A 532 12.89 -22.29 12.86
N SER A 533 12.82 -22.84 11.65
CA SER A 533 11.60 -22.81 10.85
C SER A 533 11.09 -24.17 10.42
N GLY A 534 11.96 -25.14 10.20
CA GLY A 534 11.51 -26.46 9.76
C GLY A 534 10.97 -26.49 8.35
N ILE A 535 11.44 -25.60 7.48
CA ILE A 535 10.92 -25.49 6.12
C ILE A 535 11.84 -26.33 5.23
N LEU A 536 11.50 -27.61 5.09
CA LEU A 536 12.27 -28.47 4.19
C LEU A 536 12.29 -27.85 2.80
N PRO A 537 13.41 -27.92 2.08
CA PRO A 537 13.48 -27.26 0.77
C PRO A 537 12.60 -27.91 -0.27
N GLY A 538 11.32 -28.06 0.06
CA GLY A 538 10.29 -28.52 -0.86
C GLY A 538 9.30 -27.40 -1.07
N ASP A 539 9.74 -26.17 -0.82
CA ASP A 539 8.93 -24.98 -1.04
C ASP A 539 8.80 -24.62 -2.51
N LEU A 540 9.47 -25.35 -3.40
CA LEU A 540 9.32 -25.14 -4.82
C LEU A 540 7.91 -25.51 -5.26
N ASP A 541 7.47 -24.92 -6.37
CA ASP A 541 6.09 -25.13 -6.82
C ASP A 541 5.81 -26.58 -7.18
N PRO A 542 6.59 -27.25 -8.04
CA PRO A 542 6.32 -28.66 -8.32
C PRO A 542 7.12 -29.62 -7.45
N GLU A 543 8.11 -29.14 -6.70
CA GLU A 543 9.01 -29.98 -5.92
C GLU A 543 8.62 -30.05 -4.45
N LYS A 544 7.31 -30.08 -4.17
CA LYS A 544 6.84 -30.30 -2.80
C LYS A 544 7.47 -31.55 -2.21
N SER A 545 8.03 -31.42 -1.01
CA SER A 545 8.53 -32.60 -0.31
C SER A 545 7.37 -33.56 -0.13
N THR A 546 6.41 -33.16 0.69
CA THR A 546 5.04 -33.66 0.62
C THR A 546 4.07 -32.53 0.90
N LYS A 547 4.56 -31.30 1.02
CA LYS A 547 3.78 -30.19 1.55
C LYS A 547 2.62 -29.84 0.62
N ARG A 548 1.55 -29.32 1.23
CA ARG A 548 0.41 -28.79 0.50
C ARG A 548 0.63 -27.29 0.33
N LEU A 549 0.85 -26.86 -0.90
CA LEU A 549 1.27 -25.49 -1.18
C LEU A 549 0.09 -24.62 -1.59
N VAL A 550 0.23 -23.32 -1.33
CA VAL A 550 -0.77 -22.33 -1.71
C VAL A 550 -0.03 -21.02 -1.95
N ARG A 551 -0.60 -20.18 -2.80
CA ARG A 551 -0.01 -18.87 -3.06
C ARG A 551 -0.09 -18.01 -1.81
N ARG A 552 0.58 -16.86 -1.86
CA ARG A 552 0.55 -15.97 -0.70
C ARG A 552 -0.79 -15.26 -0.59
N ASN A 553 -1.42 -14.95 -1.71
CA ASN A 553 -2.66 -14.17 -1.68
C ASN A 553 -3.82 -14.95 -1.08
N VAL A 554 -3.82 -16.27 -1.25
CA VAL A 554 -4.90 -17.09 -0.67
C VAL A 554 -4.69 -17.28 0.83
N VAL A 555 -3.45 -17.59 1.24
CA VAL A 555 -3.20 -17.81 2.65
C VAL A 555 -3.33 -16.50 3.43
N TYR A 556 -3.03 -15.37 2.79
CA TYR A 556 -3.29 -14.08 3.43
C TYR A 556 -4.78 -13.84 3.58
N ARG A 557 -5.57 -14.26 2.58
CA ARG A 557 -7.02 -14.11 2.68
C ARG A 557 -7.58 -14.88 3.87
N LYS A 558 -7.01 -16.06 4.16
CA LYS A 558 -7.45 -16.83 5.32
C LYS A 558 -7.21 -16.07 6.62
N VAL A 559 -6.01 -15.49 6.77
CA VAL A 559 -5.72 -14.71 7.96
C VAL A 559 -6.54 -13.42 7.98
N TRP A 560 -6.71 -12.79 6.82
CA TRP A 560 -7.45 -11.54 6.77
C TRP A 560 -8.91 -11.75 7.13
N LEU A 561 -9.50 -12.87 6.69
CA LEU A 561 -10.90 -13.15 7.05
C LEU A 561 -11.05 -13.42 8.53
N LEU A 562 -10.10 -14.17 9.12
CA LEU A 562 -10.14 -14.40 10.57
C LEU A 562 -10.04 -13.09 11.34
N MET A 563 -9.15 -12.19 10.90
CA MET A 563 -9.09 -10.87 11.51
C MET A 563 -10.30 -10.03 11.14
N GLN A 564 -10.94 -10.33 10.01
CA GLN A 564 -12.11 -9.56 9.58
C GLN A 564 -13.30 -9.80 10.50
N LEU A 565 -13.57 -11.07 10.83
CA LEU A 565 -14.72 -11.39 11.66
C LEU A 565 -14.56 -10.90 13.09
N GLY A 566 -13.32 -10.70 13.55
CA GLY A 566 -13.06 -10.35 14.93
C GLY A 566 -12.56 -11.50 15.79
N CYS A 567 -12.08 -12.57 15.18
CA CYS A 567 -11.59 -13.71 15.95
C CYS A 567 -10.38 -13.33 16.79
N VAL A 568 -10.09 -14.18 17.77
CA VAL A 568 -9.04 -13.93 18.75
C VAL A 568 -7.89 -14.90 18.49
N PHE A 569 -6.69 -14.36 18.31
CA PHE A 569 -5.51 -15.16 17.99
C PHE A 569 -4.72 -15.42 19.26
N VAL A 570 -4.29 -16.67 19.44
CA VAL A 570 -3.35 -17.02 20.51
C VAL A 570 -2.06 -17.51 19.85
N GLY A 571 -0.96 -17.30 20.56
CA GLY A 571 0.35 -17.66 20.07
C GLY A 571 1.44 -16.90 20.81
N HIS A 572 2.68 -17.22 20.45
CA HIS A 572 3.87 -16.64 21.07
C HIS A 572 4.59 -15.79 20.03
N GLY A 573 4.77 -14.51 20.34
CA GLY A 573 5.38 -13.59 19.39
C GLY A 573 4.50 -13.24 18.21
N LEU A 574 3.18 -13.19 18.44
CA LEU A 574 2.24 -12.90 17.35
C LEU A 574 2.49 -11.53 16.75
N ASN A 575 2.81 -10.54 17.58
CA ASN A 575 3.10 -9.20 17.08
C ASN A 575 4.18 -9.22 16.01
N ASN A 576 5.17 -10.10 16.16
CA ASN A 576 6.23 -10.21 15.17
C ASN A 576 5.74 -10.89 13.91
N ASP A 577 5.04 -12.02 14.06
CA ASP A 577 4.60 -12.78 12.88
C ASP A 577 3.63 -11.97 12.03
N PHE A 578 2.77 -11.17 12.66
CA PHE A 578 1.81 -10.37 11.91
C PHE A 578 2.50 -9.26 11.13
N LYS A 579 3.64 -8.75 11.64
CA LYS A 579 4.40 -7.76 10.89
C LYS A 579 4.96 -8.36 9.61
N HIS A 580 5.28 -9.65 9.61
CA HIS A 580 5.81 -10.32 8.43
C HIS A 580 4.72 -10.97 7.59
N ILE A 581 3.54 -11.20 8.14
CA ILE A 581 2.37 -11.49 7.33
C ILE A 581 1.92 -10.24 6.58
N ASN A 582 2.35 -9.06 7.06
CA ASN A 582 1.90 -7.77 6.55
C ASN A 582 0.40 -7.60 6.78
N ILE A 583 -0.01 -7.77 8.04
CA ILE A 583 -1.39 -7.54 8.45
C ILE A 583 -1.37 -6.99 9.87
N ASN A 584 -2.33 -6.13 10.18
CA ASN A 584 -2.43 -5.49 11.48
C ASN A 584 -3.70 -5.96 12.17
N VAL A 585 -3.53 -6.71 13.26
CA VAL A 585 -4.65 -7.17 14.06
C VAL A 585 -4.84 -6.19 15.22
N PRO A 586 -6.06 -5.85 15.59
CA PRO A 586 -6.25 -5.01 16.79
C PRO A 586 -5.87 -5.77 18.05
N ARG A 587 -5.63 -4.99 19.11
CA ARG A 587 -5.06 -5.56 20.33
C ARG A 587 -6.03 -6.54 20.99
N ASN A 588 -7.33 -6.25 20.92
CA ASN A 588 -8.32 -7.15 21.54
C ASN A 588 -8.27 -8.55 20.95
N GLN A 589 -7.84 -8.68 19.70
CA GLN A 589 -7.83 -9.95 19.00
C GLN A 589 -6.49 -10.66 19.08
N ILE A 590 -5.59 -10.19 19.95
CA ILE A 590 -4.30 -10.83 20.18
C ILE A 590 -4.28 -11.35 21.61
N ARG A 591 -3.84 -12.60 21.78
CA ARG A 591 -3.50 -13.15 23.09
C ARG A 591 -2.09 -13.72 22.94
N ASP A 592 -1.09 -12.86 23.12
CA ASP A 592 0.31 -13.25 22.97
C ASP A 592 0.83 -13.76 24.30
N THR A 593 1.23 -15.03 24.33
CA THR A 593 1.86 -15.58 25.53
C THR A 593 3.14 -14.84 25.88
N ALA A 594 3.69 -14.06 24.94
CA ALA A 594 4.91 -13.30 25.19
C ALA A 594 4.71 -12.23 26.26
N ILE A 595 3.59 -11.52 26.20
CA ILE A 595 3.38 -10.42 27.13
C ILE A 595 2.91 -10.96 28.48
N TYR A 596 2.23 -12.10 28.48
CA TYR A 596 1.77 -12.69 29.74
C TYR A 596 2.95 -13.22 30.55
N PHE A 597 3.68 -14.19 30.00
CA PHE A 597 4.80 -14.82 30.72
C PHE A 597 6.11 -14.10 30.38
N LEU A 598 6.20 -12.86 30.86
CA LEU A 598 7.39 -12.03 30.66
C LEU A 598 7.78 -11.36 31.97
N GLN A 599 9.08 -11.36 32.25
CA GLN A 599 9.65 -10.70 33.42
C GLN A 599 10.57 -9.58 32.94
N GLY A 600 9.98 -8.43 32.65
CA GLY A 600 10.74 -7.36 32.03
C GLY A 600 11.35 -7.78 30.71
N LYS A 601 12.66 -7.95 30.69
CA LYS A 601 13.38 -8.39 29.50
C LYS A 601 13.61 -9.90 29.56
N ARG A 602 14.43 -10.42 28.65
CA ARG A 602 14.82 -11.83 28.60
C ARG A 602 13.58 -12.73 28.45
N TYR A 603 12.94 -12.59 27.30
CA TYR A 603 11.77 -13.41 26.98
C TYR A 603 12.13 -14.89 27.08
N LEU A 604 11.18 -15.68 27.61
CA LEU A 604 11.43 -17.09 27.88
C LEU A 604 11.19 -17.93 26.63
N SER A 605 12.01 -18.97 26.48
CA SER A 605 11.84 -19.90 25.36
C SER A 605 10.54 -20.68 25.50
N LEU A 606 9.85 -20.87 24.37
CA LEU A 606 8.61 -21.65 24.40
C LEU A 606 8.89 -23.11 24.70
N ARG A 607 10.02 -23.65 24.21
CA ARG A 607 10.40 -25.00 24.55
C ARG A 607 10.64 -25.15 26.05
N TYR A 608 11.09 -24.07 26.70
CA TYR A 608 11.26 -24.09 28.15
C TYR A 608 9.91 -24.04 28.85
N LEU A 609 9.03 -23.12 28.44
CA LEU A 609 7.72 -23.03 29.04
C LEU A 609 6.92 -24.32 28.85
N ALA A 610 7.15 -25.02 27.75
CA ALA A 610 6.54 -26.33 27.56
C ALA A 610 7.09 -27.37 28.53
N TYR A 611 8.29 -27.15 29.06
CA TYR A 611 8.94 -28.10 29.96
C TYR A 611 8.73 -27.78 31.43
N VAL A 612 8.63 -26.50 31.80
CA VAL A 612 8.54 -26.12 33.19
C VAL A 612 7.13 -25.65 33.59
N LEU A 613 6.32 -25.17 32.65
CA LEU A 613 4.94 -24.81 33.00
C LEU A 613 3.99 -25.98 32.88
N LEU A 614 4.24 -26.92 31.97
CA LEU A 614 3.64 -28.26 32.04
C LEU A 614 4.68 -29.30 31.60
N GLY A 615 4.25 -30.54 31.37
CA GLY A 615 5.19 -31.65 31.30
C GLY A 615 5.59 -32.13 29.91
N MET A 616 5.92 -31.22 29.00
CA MET A 616 6.26 -31.58 27.63
C MET A 616 7.72 -31.29 27.34
N ASN A 617 8.41 -32.28 26.80
CA ASN A 617 9.74 -32.10 26.22
C ASN A 617 9.53 -31.85 24.73
N ILE A 618 9.65 -30.59 24.32
CA ILE A 618 9.35 -30.21 22.95
C ILE A 618 10.23 -30.92 21.94
N GLN A 619 11.38 -31.44 22.38
CA GLN A 619 12.33 -32.12 21.50
C GLN A 619 12.67 -31.24 20.30
N GLU A 620 13.28 -30.09 20.60
CA GLU A 620 13.48 -29.06 19.59
C GLU A 620 14.52 -29.50 18.56
N GLY A 621 14.04 -30.09 17.47
CA GLY A 621 14.88 -30.38 16.33
C GLY A 621 14.74 -29.25 15.35
N ASN A 622 13.98 -29.47 14.28
CA ASN A 622 13.54 -28.39 13.40
C ASN A 622 12.14 -27.97 13.84
N HIS A 623 11.98 -26.69 14.17
CA HIS A 623 10.78 -26.15 14.79
C HIS A 623 9.53 -26.42 13.97
N ASP A 624 8.62 -27.23 14.51
CA ASP A 624 7.39 -27.58 13.82
C ASP A 624 6.35 -26.49 14.04
N SER A 625 5.89 -25.87 12.95
CA SER A 625 4.92 -24.78 13.06
C SER A 625 3.66 -25.20 13.78
N ILE A 626 3.15 -26.39 13.45
CA ILE A 626 1.85 -26.81 13.96
C ILE A 626 1.94 -27.28 15.41
N GLU A 627 3.06 -27.91 15.78
CA GLU A 627 3.27 -28.27 17.18
C GLU A 627 3.37 -27.02 18.04
N ASP A 628 4.16 -26.03 17.60
CA ASP A 628 4.27 -24.76 18.32
C ASP A 628 2.90 -24.13 18.52
N ALA A 629 2.11 -24.04 17.45
CA ALA A 629 0.79 -23.43 17.56
C ALA A 629 -0.09 -24.17 18.55
N HIS A 630 0.11 -25.48 18.70
CA HIS A 630 -0.71 -26.26 19.62
C HIS A 630 -0.30 -26.02 21.07
N THR A 631 1.01 -26.08 21.36
CA THR A 631 1.45 -25.87 22.73
C THR A 631 1.17 -24.45 23.21
N ALA A 632 1.26 -23.47 22.30
CA ALA A 632 0.93 -22.09 22.67
C ALA A 632 -0.54 -21.95 23.05
N LEU A 633 -1.41 -22.75 22.42
CA LEU A 633 -2.84 -22.67 22.74
C LEU A 633 -3.11 -23.08 24.17
N ILE A 634 -2.59 -24.24 24.59
CA ILE A 634 -2.84 -24.73 25.93
C ILE A 634 -2.07 -23.94 26.98
N LEU A 635 -1.01 -23.22 26.58
CA LEU A 635 -0.30 -22.37 27.53
C LEU A 635 -1.14 -21.14 27.88
N TYR A 636 -1.83 -20.57 26.89
CA TYR A 636 -2.75 -19.47 27.17
C TYR A 636 -3.89 -19.93 28.07
N LYS A 637 -4.30 -21.20 27.96
CA LYS A 637 -5.32 -21.72 28.85
C LYS A 637 -4.76 -21.99 30.24
N LYS A 638 -3.50 -22.43 30.32
CA LYS A 638 -2.88 -22.61 31.62
C LYS A 638 -2.68 -21.27 32.33
N TYR A 639 -2.26 -20.25 31.59
CA TYR A 639 -2.19 -18.91 32.16
C TYR A 639 -3.56 -18.42 32.59
N LEU A 640 -4.60 -18.78 31.83
CA LEU A 640 -5.95 -18.38 32.19
C LEU A 640 -6.40 -19.06 33.49
N HIS A 641 -6.04 -20.33 33.66
CA HIS A 641 -6.38 -21.02 34.90
C HIS A 641 -5.61 -20.43 36.09
N LEU A 642 -4.34 -20.10 35.88
CA LEU A 642 -3.54 -19.49 36.94
C LEU A 642 -4.05 -18.10 37.32
N LYS A 643 -4.87 -17.48 36.47
CA LYS A 643 -5.50 -16.21 36.78
C LYS A 643 -6.95 -16.36 37.23
N GLU A 644 -7.54 -17.54 37.09
CA GLU A 644 -8.90 -17.75 37.57
C GLU A 644 -8.99 -17.52 39.07
N LYS A 645 -7.92 -17.86 39.79
CA LYS A 645 -7.72 -17.45 41.18
C LYS A 645 -6.34 -16.83 41.28
N ALA A 646 -6.00 -16.29 42.46
CA ALA A 646 -4.82 -15.46 42.62
C ALA A 646 -3.57 -16.33 42.84
N ILE A 647 -3.09 -16.92 41.74
CA ILE A 647 -1.86 -17.69 41.75
C ILE A 647 -1.00 -17.26 40.57
N PHE A 648 -1.44 -16.23 39.84
CA PHE A 648 -0.74 -15.80 38.65
C PHE A 648 0.67 -15.30 38.97
N GLU A 649 0.76 -14.23 39.76
CA GLU A 649 2.06 -13.62 40.04
C GLU A 649 2.95 -14.51 40.90
N LYS A 650 2.37 -15.46 41.64
CA LYS A 650 3.16 -16.35 42.47
C LYS A 650 3.98 -17.31 41.61
N VAL A 651 3.32 -18.11 40.78
CA VAL A 651 4.03 -19.01 39.88
C VAL A 651 4.81 -18.24 38.82
N LEU A 652 4.52 -16.95 38.64
CA LEU A 652 5.28 -16.14 37.71
C LEU A 652 6.74 -16.04 38.12
N ASN A 653 7.03 -16.05 39.42
CA ASN A 653 8.39 -15.98 39.92
C ASN A 653 8.98 -17.35 40.24
N SER A 654 8.18 -18.40 40.27
CA SER A 654 8.72 -19.75 40.40
C SER A 654 9.65 -20.07 39.24
N VAL A 655 9.28 -19.65 38.03
CA VAL A 655 10.14 -19.86 36.87
C VAL A 655 11.27 -18.85 36.81
N TYR A 656 11.16 -17.72 37.52
CA TYR A 656 12.17 -16.67 37.44
C TYR A 656 13.38 -17.00 38.32
N GLU A 657 13.14 -17.37 39.59
CA GLU A 657 14.24 -17.60 40.50
C GLU A 657 14.85 -18.99 40.34
N GLU A 658 14.02 -20.00 40.11
CA GLU A 658 14.50 -21.37 39.97
C GLU A 658 14.96 -21.69 38.56
N GLY A 659 14.85 -20.76 37.62
CA GLY A 659 15.35 -20.96 36.28
C GLY A 659 16.75 -20.43 36.11
N ARG A 660 17.16 -19.52 37.00
CA ARG A 660 18.52 -19.01 36.97
C ARG A 660 19.54 -20.10 37.33
N ALA A 661 19.20 -20.93 38.32
CA ALA A 661 20.04 -22.08 38.63
C ALA A 661 20.03 -23.11 37.52
N HIS A 662 19.05 -23.05 36.61
CA HIS A 662 18.97 -23.92 35.45
C HIS A 662 19.37 -23.23 34.16
N ASN A 663 19.80 -21.96 34.23
CA ASN A 663 20.25 -21.20 33.06
C ASN A 663 19.16 -21.07 32.00
N PHE A 664 17.90 -21.16 32.42
CA PHE A 664 16.75 -21.02 31.54
C PHE A 664 16.75 -22.04 30.40
N LYS A 665 17.29 -23.23 30.65
CA LYS A 665 17.30 -24.29 29.65
C LYS A 665 17.59 -25.61 30.35
N VAL A 666 16.67 -26.56 30.23
CA VAL A 666 16.86 -27.92 30.75
C VAL A 666 16.38 -28.91 29.70
N PRO A 667 17.16 -29.96 29.38
CA PRO A 667 16.73 -31.00 28.43
C PRO A 667 15.95 -32.11 29.12
#